data_1QTR
#
_entry.id   1QTR
#
_cell.length_a   65.36
_cell.length_b   65.36
_cell.length_c   169.2
_cell.angle_alpha   90.0
_cell.angle_beta   90.0
_cell.angle_gamma   90.0
#
_symmetry.space_group_name_H-M   'P 43 21 2'
#
_entity_poly.entity_id   1
_entity_poly.type   'polypeptide(L)'
_entity_poly.pdbx_seq_one_letter_code
;MEQLRGLYPPLAAYDSGWLDTGDGHRIYWELSGNPNGKPAVFIHGGPGGGISPHHRQLFDPERYKVLLFDQRGCGRSRPH
ASLDNNTTWHLVADIERLREMAGVEQWLVFGGSWGSTLALAYAQTHPERVSEMVLRGIFTLRKQRLHWYYQDGASRFFPE
KWERVLSILSDDERKDVIAAYRQRLTSADPQVQLEAAKLWSVWEGETVTLLPSRESASFGEDDFALAFARIENHYFTHLG
FLESDDQLLRNVPLIRHIPAVIVHGRYDMACQVQNAWDLAKAWPEAELHIVEGAGHSYDEPGILHQLMIATDRFAGK
;
_entity_poly.pdbx_strand_id   A
#
# COMPACT_ATOMS: atom_id res chain seq x y z
N LEU A 4 21.78 -2.33 -6.61
CA LEU A 4 22.40 -1.29 -5.73
C LEU A 4 21.82 -1.30 -4.30
N ARG A 5 22.34 -0.41 -3.45
CA ARG A 5 21.87 -0.31 -2.07
C ARG A 5 20.85 0.79 -1.93
N GLY A 6 21.06 1.88 -2.68
CA GLY A 6 20.17 3.02 -2.59
C GLY A 6 19.28 3.19 -3.80
N LEU A 7 18.56 4.31 -3.82
CA LEU A 7 17.62 4.66 -4.89
C LEU A 7 18.35 5.21 -6.09
N TYR A 8 17.74 5.07 -7.26
CA TYR A 8 18.32 5.63 -8.46
C TYR A 8 18.17 7.12 -8.31
N PRO A 9 18.97 7.91 -9.04
CA PRO A 9 18.86 9.37 -8.94
C PRO A 9 17.48 9.89 -9.39
N PRO A 10 17.08 11.11 -8.95
CA PRO A 10 15.79 11.71 -9.30
C PRO A 10 15.66 11.87 -10.80
N LEU A 11 14.46 11.65 -11.33
CA LEU A 11 14.24 11.79 -12.77
C LEU A 11 12.80 12.21 -13.05
N ALA A 12 12.56 12.68 -14.27
CA ALA A 12 11.22 13.11 -14.68
C ALA A 12 10.39 12.01 -15.29
N ALA A 13 9.07 12.12 -15.09
CA ALA A 13 8.13 11.16 -15.68
C ALA A 13 8.14 11.56 -17.14
N TYR A 14 8.10 10.60 -18.05
CA TYR A 14 8.07 10.96 -19.46
C TYR A 14 6.64 11.29 -19.90
N ASP A 15 5.66 10.85 -19.12
CA ASP A 15 4.28 11.11 -19.45
C ASP A 15 3.44 11.02 -18.19
N SER A 16 2.28 11.66 -18.24
CA SER A 16 1.31 11.70 -17.14
C SER A 16 -0.07 12.10 -17.67
N GLY A 17 -1.09 11.91 -16.85
CA GLY A 17 -2.43 12.27 -17.27
C GLY A 17 -3.47 11.75 -16.31
N TRP A 18 -4.73 11.96 -16.66
CA TRP A 18 -5.85 11.52 -15.85
C TRP A 18 -6.72 10.58 -16.71
N LEU A 19 -7.00 9.38 -16.19
CA LEU A 19 -7.84 8.40 -16.88
C LEU A 19 -9.22 8.42 -16.23
N ASP A 20 -10.24 8.85 -16.97
CA ASP A 20 -11.60 8.89 -16.46
C ASP A 20 -12.11 7.45 -16.46
N THR A 21 -12.52 7.02 -15.27
CA THR A 21 -13.02 5.67 -15.04
C THR A 21 -14.41 5.43 -15.54
N GLY A 22 -15.21 6.48 -15.62
CA GLY A 22 -16.56 6.31 -16.10
C GLY A 22 -17.62 6.18 -15.02
N ASP A 23 -17.23 6.21 -13.76
CA ASP A 23 -18.23 6.15 -12.69
C ASP A 23 -17.96 7.24 -11.68
N GLY A 24 -17.51 8.39 -12.18
CA GLY A 24 -17.23 9.53 -11.34
C GLY A 24 -15.77 9.69 -10.92
N HIS A 25 -14.86 8.88 -11.45
CA HIS A 25 -13.44 9.00 -11.07
C HIS A 25 -12.47 9.25 -12.22
N ARG A 26 -11.49 10.09 -11.96
CA ARG A 26 -10.44 10.43 -12.92
C ARG A 26 -9.17 10.18 -12.14
N ILE A 27 -8.49 9.09 -12.47
CA ILE A 27 -7.27 8.72 -11.75
C ILE A 27 -5.96 9.22 -12.40
N TYR A 28 -5.06 9.76 -11.57
CA TYR A 28 -3.77 10.24 -12.05
C TYR A 28 -2.81 9.11 -12.26
N TRP A 29 -1.96 9.25 -13.27
CA TRP A 29 -0.97 8.25 -13.63
C TRP A 29 0.26 8.88 -14.28
N GLU A 30 1.44 8.39 -13.92
CA GLU A 30 2.69 8.90 -14.50
C GLU A 30 3.25 7.81 -15.38
N LEU A 31 4.37 8.12 -16.02
CA LEU A 31 4.99 7.15 -16.86
C LEU A 31 6.42 7.62 -16.96
N SER A 32 7.31 6.94 -16.24
CA SER A 32 8.73 7.28 -16.25
C SER A 32 9.55 6.02 -16.54
N GLY A 33 10.85 6.21 -16.76
CA GLY A 33 11.73 5.09 -17.04
C GLY A 33 12.13 5.00 -18.50
N ASN A 34 11.65 3.99 -19.20
CA ASN A 34 11.99 3.82 -20.60
C ASN A 34 10.76 3.39 -21.37
N PRO A 35 10.40 4.13 -22.42
CA PRO A 35 9.27 3.94 -23.31
C PRO A 35 9.11 2.50 -23.80
N ASN A 36 10.22 1.94 -24.23
CA ASN A 36 10.23 0.60 -24.78
C ASN A 36 10.96 -0.37 -23.85
N GLY A 37 11.03 -0.04 -22.57
CA GLY A 37 11.70 -0.92 -21.62
C GLY A 37 10.82 -2.05 -21.13
N LYS A 38 11.22 -2.64 -20.01
CA LYS A 38 10.45 -3.71 -19.39
C LYS A 38 9.26 -3.04 -18.66
N PRO A 39 8.01 -3.40 -19.01
CA PRO A 39 6.83 -2.82 -18.38
C PRO A 39 6.68 -3.18 -16.91
N ALA A 40 6.46 -2.16 -16.09
CA ALA A 40 6.30 -2.36 -14.66
C ALA A 40 5.23 -1.41 -14.15
N VAL A 41 4.58 -1.80 -13.06
CA VAL A 41 3.59 -0.97 -12.46
C VAL A 41 3.92 -0.86 -10.98
N PHE A 42 3.73 0.34 -10.43
CA PHE A 42 3.96 0.58 -9.03
C PHE A 42 2.59 0.65 -8.38
N ILE A 43 2.39 -0.06 -7.30
CA ILE A 43 1.13 -0.03 -6.61
C ILE A 43 1.41 0.52 -5.24
N HIS A 44 1.00 1.76 -5.01
CA HIS A 44 1.22 2.40 -3.73
C HIS A 44 0.43 1.74 -2.62
N GLY A 45 0.81 1.99 -1.39
CA GLY A 45 0.12 1.32 -0.31
C GLY A 45 -0.74 2.16 0.59
N GLY A 46 -0.85 1.67 1.84
CA GLY A 46 -1.64 2.28 2.90
C GLY A 46 -2.86 2.72 2.16
N PRO A 47 -3.94 1.92 2.14
CA PRO A 47 -5.08 2.40 1.37
C PRO A 47 -5.33 3.89 1.60
N GLY A 48 -5.14 4.68 0.55
CA GLY A 48 -5.32 6.11 0.65
C GLY A 48 -4.05 6.92 0.58
N GLY A 49 -2.90 6.25 0.67
CA GLY A 49 -1.63 6.97 0.57
C GLY A 49 -1.53 7.30 -0.90
N GLY A 50 -0.45 7.91 -1.39
CA GLY A 50 -0.43 8.22 -2.81
C GLY A 50 0.95 8.02 -3.35
N ILE A 51 1.16 8.12 -4.67
CA ILE A 51 2.50 7.91 -5.19
C ILE A 51 3.38 9.10 -4.83
N SER A 52 4.68 8.93 -4.99
CA SER A 52 5.65 9.96 -4.66
C SER A 52 6.76 9.95 -5.70
N PRO A 53 7.40 11.11 -5.93
CA PRO A 53 8.47 11.18 -6.92
C PRO A 53 9.55 10.16 -6.62
N HIS A 54 9.66 9.73 -5.36
CA HIS A 54 10.67 8.77 -4.97
C HIS A 54 10.40 7.36 -5.43
N HIS A 55 9.15 7.08 -5.73
CA HIS A 55 8.73 5.78 -6.21
C HIS A 55 9.25 5.49 -7.63
N ARG A 56 9.82 6.50 -8.27
CA ARG A 56 10.35 6.39 -9.64
C ARG A 56 11.81 5.97 -9.62
N GLN A 57 12.51 6.37 -8.56
CA GLN A 57 13.92 6.08 -8.38
C GLN A 57 14.15 4.63 -7.94
N LEU A 58 13.07 3.89 -7.82
CA LEU A 58 13.08 2.50 -7.36
C LEU A 58 13.31 1.45 -8.44
N PHE A 59 13.32 1.86 -9.70
CA PHE A 59 13.51 0.96 -10.83
C PHE A 59 14.58 1.53 -11.74
N ASP A 60 15.25 0.64 -12.47
CA ASP A 60 16.32 1.03 -13.38
C ASP A 60 15.73 1.86 -14.52
N PRO A 61 16.22 3.10 -14.68
CA PRO A 61 15.86 4.12 -15.66
C PRO A 61 15.94 3.71 -17.12
N GLU A 62 17.01 3.00 -17.45
CA GLU A 62 17.20 2.58 -18.81
C GLU A 62 16.52 1.27 -19.13
N ARG A 63 16.19 0.46 -18.13
CA ARG A 63 15.57 -0.84 -18.41
C ARG A 63 14.09 -1.03 -18.10
N TYR A 64 13.53 -0.12 -17.31
CA TYR A 64 12.14 -0.25 -16.93
C TYR A 64 11.26 0.88 -17.43
N LYS A 65 10.02 0.55 -17.74
CA LYS A 65 9.00 1.52 -18.13
C LYS A 65 8.01 1.33 -16.96
N VAL A 66 8.06 2.20 -15.97
CA VAL A 66 7.21 2.08 -14.78
C VAL A 66 5.95 2.95 -14.86
N LEU A 67 4.81 2.37 -14.52
CA LEU A 67 3.55 3.12 -14.52
C LEU A 67 3.26 3.35 -13.04
N LEU A 68 3.06 4.60 -12.67
CA LEU A 68 2.73 5.00 -11.30
C LEU A 68 1.34 5.52 -11.43
N PHE A 69 0.50 5.30 -10.44
CA PHE A 69 -0.85 5.80 -10.54
C PHE A 69 -1.41 6.08 -9.17
N ASP A 70 -2.19 7.15 -9.05
CA ASP A 70 -2.81 7.49 -7.77
C ASP A 70 -4.07 6.66 -7.71
N GLN A 71 -4.35 6.09 -6.55
CA GLN A 71 -5.46 5.18 -6.42
C GLN A 71 -6.93 5.46 -6.66
N ARG A 72 -7.52 6.46 -6.00
CA ARG A 72 -8.94 6.74 -6.22
C ARG A 72 -9.32 7.55 -5.01
N GLY A 73 -9.47 8.85 -5.20
CA GLY A 73 -9.79 9.72 -4.08
C GLY A 73 -8.55 10.07 -3.29
N CYS A 74 -7.36 9.88 -3.87
CA CYS A 74 -6.09 10.20 -3.18
C CYS A 74 -5.05 10.70 -4.19
N GLY A 75 -4.05 11.43 -3.71
CA GLY A 75 -3.06 11.99 -4.63
C GLY A 75 -3.70 13.03 -5.54
N ARG A 76 -3.20 13.16 -6.76
CA ARG A 76 -3.76 14.09 -7.73
C ARG A 76 -4.98 13.43 -8.33
N SER A 77 -5.25 12.16 -7.97
CA SER A 77 -6.43 11.48 -8.52
C SER A 77 -7.60 12.28 -8.04
N ARG A 78 -8.31 12.82 -9.01
CA ARG A 78 -9.35 13.75 -8.70
C ARG A 78 -10.29 13.63 -7.59
N PRO A 79 -11.40 12.92 -7.73
CA PRO A 79 -12.38 12.79 -6.64
C PRO A 79 -11.77 12.64 -5.23
N HIS A 80 -11.18 13.72 -4.73
CA HIS A 80 -10.48 13.75 -3.44
C HIS A 80 -11.32 13.28 -2.26
N ALA A 81 -10.84 12.28 -1.56
CA ALA A 81 -11.51 11.71 -0.40
C ALA A 81 -12.82 11.07 -0.78
N SER A 82 -12.95 10.70 -2.05
CA SER A 82 -14.17 10.06 -2.50
C SER A 82 -14.18 8.56 -2.19
N LEU A 83 -15.14 8.16 -1.37
CA LEU A 83 -15.31 6.75 -1.04
C LEU A 83 -16.51 6.25 -1.80
N ASP A 84 -16.88 6.96 -2.87
CA ASP A 84 -18.02 6.54 -3.70
C ASP A 84 -17.35 5.65 -4.69
N ASN A 85 -17.85 4.43 -4.88
CA ASN A 85 -17.25 3.49 -5.84
C ASN A 85 -15.73 3.31 -5.73
N ASN A 86 -15.26 3.19 -4.51
CA ASN A 86 -13.84 3.10 -4.26
C ASN A 86 -13.44 1.81 -3.51
N THR A 87 -13.65 0.63 -4.10
CA THR A 87 -13.30 -0.63 -3.41
C THR A 87 -12.22 -1.41 -4.13
N THR A 88 -11.71 -2.44 -3.45
CA THR A 88 -10.64 -3.34 -3.96
C THR A 88 -10.82 -3.79 -5.40
N TRP A 89 -12.04 -4.21 -5.71
CA TRP A 89 -12.39 -4.69 -7.01
C TRP A 89 -12.53 -3.62 -8.09
N HIS A 90 -12.84 -2.38 -7.68
CA HIS A 90 -12.94 -1.25 -8.62
C HIS A 90 -11.50 -0.89 -9.00
N LEU A 91 -10.64 -0.85 -8.00
CA LEU A 91 -9.21 -0.57 -8.17
C LEU A 91 -8.53 -1.61 -9.10
N VAL A 92 -8.92 -2.88 -8.94
CA VAL A 92 -8.40 -3.94 -9.81
C VAL A 92 -8.72 -3.60 -11.28
N ALA A 93 -9.87 -2.97 -11.51
CA ALA A 93 -10.34 -2.57 -12.84
C ALA A 93 -9.50 -1.44 -13.37
N ASP A 94 -9.14 -0.51 -12.49
CA ASP A 94 -8.31 0.63 -12.89
C ASP A 94 -6.90 0.18 -13.32
N ILE A 95 -6.40 -0.90 -12.72
CA ILE A 95 -5.07 -1.38 -13.07
C ILE A 95 -5.08 -1.94 -14.49
N GLU A 96 -6.20 -2.53 -14.87
CA GLU A 96 -6.36 -3.10 -16.22
C GLU A 96 -6.52 -2.00 -17.28
N ARG A 97 -7.35 -1.00 -16.97
CA ARG A 97 -7.55 0.15 -17.88
C ARG A 97 -6.20 0.77 -18.19
N LEU A 98 -5.45 1.06 -17.12
CA LEU A 98 -4.11 1.63 -17.21
C LEU A 98 -3.20 0.73 -17.99
N ARG A 99 -3.45 -0.58 -17.92
CA ARG A 99 -2.65 -1.56 -18.65
C ARG A 99 -2.96 -1.47 -20.15
N GLU A 100 -4.23 -1.66 -20.49
CA GLU A 100 -4.68 -1.57 -21.87
C GLU A 100 -4.24 -0.21 -22.44
N MET A 101 -4.53 0.85 -21.71
CA MET A 101 -4.16 2.20 -22.10
C MET A 101 -2.65 2.23 -22.33
N ALA A 102 -1.89 1.90 -21.29
CA ALA A 102 -0.43 1.90 -21.39
C ALA A 102 0.05 1.04 -22.54
N GLY A 103 -0.78 0.07 -22.93
CA GLY A 103 -0.39 -0.79 -24.02
C GLY A 103 0.60 -1.87 -23.60
N VAL A 104 0.42 -2.38 -22.38
CA VAL A 104 1.29 -3.44 -21.89
C VAL A 104 0.43 -4.71 -21.81
N GLU A 105 0.98 -5.85 -22.23
CA GLU A 105 0.21 -7.08 -22.18
C GLU A 105 0.46 -7.84 -20.88
N GLN A 106 1.58 -7.50 -20.23
CA GLN A 106 1.95 -8.08 -18.94
C GLN A 106 3.10 -7.32 -18.31
N TRP A 107 3.08 -7.21 -16.98
CA TRP A 107 4.11 -6.50 -16.25
C TRP A 107 4.33 -6.88 -14.80
N LEU A 108 5.49 -6.44 -14.29
CA LEU A 108 5.96 -6.66 -12.94
C LEU A 108 5.08 -5.82 -12.03
N VAL A 109 4.60 -6.42 -10.95
CA VAL A 109 3.74 -5.71 -10.00
C VAL A 109 4.55 -5.43 -8.73
N PHE A 110 4.99 -4.17 -8.59
CA PHE A 110 5.79 -3.74 -7.45
C PHE A 110 4.89 -3.02 -6.43
N GLY A 111 4.62 -3.64 -5.29
CA GLY A 111 3.78 -3.00 -4.28
C GLY A 111 4.03 -3.48 -2.86
N GLY A 112 4.16 -2.54 -1.92
CA GLY A 112 4.37 -2.90 -0.53
C GLY A 112 3.17 -2.56 0.35
N SER A 113 3.15 -3.06 1.58
CA SER A 113 2.06 -2.84 2.52
C SER A 113 0.70 -3.02 1.85
N TRP A 114 -0.22 -2.06 1.94
CA TRP A 114 -1.51 -2.22 1.25
C TRP A 114 -1.31 -2.61 -0.21
N GLY A 115 -0.25 -2.11 -0.83
CA GLY A 115 0.04 -2.44 -2.22
C GLY A 115 0.36 -3.91 -2.46
N SER A 116 0.80 -4.59 -1.42
CA SER A 116 1.08 -6.00 -1.54
C SER A 116 -0.32 -6.57 -1.60
N THR A 117 -1.23 -6.07 -0.75
CA THR A 117 -2.63 -6.55 -0.75
C THR A 117 -3.21 -6.48 -2.18
N LEU A 118 -3.29 -5.26 -2.72
CA LEU A 118 -3.84 -5.05 -4.05
C LEU A 118 -3.07 -5.82 -5.13
N ALA A 119 -1.77 -5.99 -4.95
CA ALA A 119 -0.94 -6.73 -5.90
C ALA A 119 -1.44 -8.17 -5.96
N LEU A 120 -1.68 -8.75 -4.79
CA LEU A 120 -2.15 -10.10 -4.68
C LEU A 120 -3.53 -10.18 -5.24
N ALA A 121 -4.42 -9.30 -4.79
CA ALA A 121 -5.81 -9.31 -5.28
C ALA A 121 -5.92 -9.17 -6.80
N TYR A 122 -5.01 -8.41 -7.40
CA TYR A 122 -4.96 -8.20 -8.85
C TYR A 122 -4.34 -9.37 -9.58
N ALA A 123 -3.24 -9.87 -9.02
CA ALA A 123 -2.53 -10.99 -9.61
C ALA A 123 -3.44 -12.22 -9.62
N GLN A 124 -4.14 -12.43 -8.53
CA GLN A 124 -5.04 -13.56 -8.41
C GLN A 124 -6.32 -13.49 -9.22
N THR A 125 -6.55 -12.41 -9.98
CA THR A 125 -7.75 -12.33 -10.83
C THR A 125 -7.35 -12.06 -12.28
N HIS A 126 -6.08 -11.75 -12.49
CA HIS A 126 -5.48 -11.55 -13.82
C HIS A 126 -4.06 -12.14 -13.76
N PRO A 127 -3.95 -13.47 -13.60
CA PRO A 127 -2.65 -14.16 -13.53
C PRO A 127 -1.78 -14.04 -14.78
N GLU A 128 -2.37 -13.65 -15.91
CA GLU A 128 -1.62 -13.52 -17.15
C GLU A 128 -0.98 -12.16 -17.38
N ARG A 129 -1.33 -11.19 -16.54
CA ARG A 129 -0.82 -9.84 -16.71
C ARG A 129 0.37 -9.47 -15.82
N VAL A 130 0.81 -10.40 -14.97
CA VAL A 130 1.97 -10.14 -14.13
C VAL A 130 3.11 -11.09 -14.52
N SER A 131 4.31 -10.56 -14.74
CA SER A 131 5.46 -11.41 -15.09
C SER A 131 6.22 -11.92 -13.83
N GLU A 132 6.26 -11.06 -12.81
CA GLU A 132 6.89 -11.34 -11.51
C GLU A 132 6.27 -10.34 -10.52
N MET A 133 6.49 -10.55 -9.24
CA MET A 133 5.93 -9.68 -8.25
C MET A 133 7.01 -9.45 -7.25
N VAL A 134 7.06 -8.23 -6.72
CA VAL A 134 8.01 -7.89 -5.68
C VAL A 134 7.15 -7.30 -4.55
N LEU A 135 6.86 -8.10 -3.53
CA LEU A 135 6.05 -7.69 -2.41
C LEU A 135 6.89 -7.21 -1.23
N ARG A 136 6.28 -6.48 -0.30
CA ARG A 136 6.97 -5.89 0.84
C ARG A 136 5.92 -5.64 1.94
N GLY A 137 6.31 -5.86 3.20
CA GLY A 137 5.40 -5.69 4.32
C GLY A 137 4.08 -6.32 3.94
N ILE A 138 4.03 -7.64 3.80
CA ILE A 138 2.82 -8.32 3.38
C ILE A 138 1.61 -7.96 4.24
N PHE A 139 0.48 -7.72 3.58
CA PHE A 139 -0.77 -7.34 4.23
C PHE A 139 -1.89 -8.07 3.46
N THR A 140 -2.48 -9.07 4.09
CA THR A 140 -3.53 -9.86 3.47
C THR A 140 -4.94 -9.45 3.95
N LEU A 141 -5.00 -8.51 4.89
CA LEU A 141 -6.26 -8.03 5.44
C LEU A 141 -7.14 -9.04 6.23
N ARG A 142 -6.55 -9.78 7.15
CA ARG A 142 -7.30 -10.73 7.96
C ARG A 142 -7.70 -9.98 9.20
N LYS A 143 -8.71 -10.46 9.89
CA LYS A 143 -9.18 -9.76 11.06
C LYS A 143 -8.11 -9.59 12.13
N GLN A 144 -7.22 -10.56 12.22
CA GLN A 144 -6.16 -10.54 13.23
C GLN A 144 -5.17 -9.42 13.00
N ARG A 145 -5.06 -9.05 11.76
CA ARG A 145 -4.12 -8.03 11.33
C ARG A 145 -4.68 -6.63 11.48
N LEU A 146 -5.99 -6.48 11.31
CA LEU A 146 -6.58 -5.17 11.49
C LEU A 146 -6.62 -4.90 13.01
N HIS A 147 -6.83 -5.96 13.78
CA HIS A 147 -6.90 -5.89 15.24
C HIS A 147 -5.55 -5.59 15.86
N TRP A 148 -4.48 -6.05 15.23
CA TRP A 148 -3.12 -5.79 15.75
C TRP A 148 -2.73 -4.33 15.67
N TYR A 149 -2.95 -3.71 14.53
CA TYR A 149 -2.58 -2.32 14.36
C TYR A 149 -3.63 -1.31 14.87
N TYR A 150 -4.92 -1.68 14.82
CA TYR A 150 -5.99 -0.77 15.24
C TYR A 150 -6.80 -1.12 16.48
N GLN A 151 -6.36 -2.07 17.30
CA GLN A 151 -7.13 -2.43 18.49
C GLN A 151 -6.33 -2.94 19.67
N ASP A 152 -5.58 -4.01 19.47
CA ASP A 152 -4.82 -4.56 20.58
C ASP A 152 -3.59 -5.26 20.04
N GLY A 153 -2.44 -4.63 20.18
CA GLY A 153 -1.23 -5.24 19.68
C GLY A 153 -0.13 -4.21 19.57
N ALA A 154 -0.13 -3.45 18.47
CA ALA A 154 0.87 -2.41 18.25
C ALA A 154 0.76 -1.43 19.41
N SER A 155 -0.44 -1.36 19.98
CA SER A 155 -0.67 -0.51 21.13
C SER A 155 0.38 -0.78 22.20
N ARG A 156 0.53 -2.03 22.64
CA ARG A 156 1.51 -2.37 23.66
C ARG A 156 2.95 -1.91 23.43
N PHE A 157 3.31 -1.62 22.19
CA PHE A 157 4.67 -1.14 21.87
C PHE A 157 4.78 0.41 21.85
N PHE A 158 3.67 1.10 21.62
CA PHE A 158 3.64 2.57 21.60
C PHE A 158 2.51 3.04 22.50
N PRO A 159 2.53 2.66 23.79
CA PRO A 159 1.47 3.04 24.73
C PRO A 159 1.17 4.53 24.83
N GLU A 160 2.20 5.34 24.69
CA GLU A 160 2.07 6.80 24.76
C GLU A 160 1.50 7.39 23.48
N LYS A 161 1.65 6.66 22.40
CA LYS A 161 1.18 7.12 21.10
C LYS A 161 -0.26 6.69 20.92
N TRP A 162 -0.61 5.56 21.50
CA TRP A 162 -1.96 5.05 21.37
C TRP A 162 -2.91 5.78 22.31
N GLU A 163 -2.41 6.43 23.35
CA GLU A 163 -3.32 7.17 24.24
C GLU A 163 -3.89 8.40 23.54
N ARG A 164 -3.11 8.99 22.65
CA ARG A 164 -3.54 10.14 21.89
C ARG A 164 -4.59 9.69 20.87
N VAL A 165 -4.40 8.51 20.27
CA VAL A 165 -5.38 8.02 19.32
C VAL A 165 -6.70 7.73 20.06
N LEU A 166 -6.61 7.35 21.32
CA LEU A 166 -7.81 7.04 22.09
C LEU A 166 -8.48 8.23 22.77
N SER A 167 -7.73 9.31 23.00
CA SER A 167 -8.25 10.48 23.69
C SER A 167 -9.65 10.93 23.30
N ILE A 168 -9.96 10.92 22.01
CA ILE A 168 -11.28 11.37 21.58
C ILE A 168 -12.40 10.37 21.66
N LEU A 169 -12.18 9.19 22.23
CA LEU A 169 -13.23 8.19 22.26
C LEU A 169 -13.82 7.91 23.64
N SER A 170 -15.13 7.73 23.73
CA SER A 170 -15.79 7.41 24.99
C SER A 170 -15.37 5.98 25.33
N ASP A 171 -15.45 5.57 26.60
CA ASP A 171 -15.05 4.22 26.95
C ASP A 171 -15.72 3.13 26.16
N ASP A 172 -16.98 3.34 25.84
CA ASP A 172 -17.72 2.37 25.03
C ASP A 172 -17.04 2.37 23.67
N GLU A 173 -16.75 3.56 23.15
CA GLU A 173 -16.11 3.71 21.85
C GLU A 173 -14.73 3.13 21.78
N ARG A 174 -14.08 2.92 22.91
CA ARG A 174 -12.73 2.39 22.92
C ARG A 174 -12.58 0.89 22.59
N LYS A 175 -13.70 0.17 22.66
CA LYS A 175 -13.73 -1.26 22.38
C LYS A 175 -13.80 -1.56 20.90
N ASP A 176 -13.75 -0.50 20.09
CA ASP A 176 -13.78 -0.67 18.65
C ASP A 176 -13.36 0.61 17.96
N VAL A 177 -12.05 0.85 18.00
CA VAL A 177 -11.44 2.04 17.41
C VAL A 177 -11.79 2.26 15.95
N ILE A 178 -11.72 1.20 15.15
CA ILE A 178 -12.02 1.29 13.72
C ILE A 178 -13.42 1.84 13.45
N ALA A 179 -14.39 1.41 14.24
CA ALA A 179 -15.78 1.87 14.06
C ALA A 179 -16.03 3.26 14.64
N ALA A 180 -15.42 3.57 15.78
CA ALA A 180 -15.59 4.89 16.37
C ALA A 180 -15.07 5.91 15.38
N TYR A 181 -14.01 5.53 14.69
CA TYR A 181 -13.39 6.38 13.71
C TYR A 181 -14.16 6.47 12.39
N ARG A 182 -14.98 5.48 12.06
CA ARG A 182 -15.79 5.51 10.83
C ARG A 182 -16.93 6.50 11.01
N GLN A 183 -17.40 6.66 12.25
CA GLN A 183 -18.46 7.61 12.54
C GLN A 183 -17.92 9.01 12.21
N ARG A 184 -16.89 9.41 12.96
CA ARG A 184 -16.23 10.69 12.80
C ARG A 184 -15.79 10.96 11.40
N LEU A 185 -15.13 10.00 10.77
CA LEU A 185 -14.67 10.18 9.40
C LEU A 185 -15.78 10.42 8.41
N THR A 186 -16.98 9.93 8.71
CA THR A 186 -18.11 10.14 7.83
C THR A 186 -19.13 11.05 8.53
N SER A 187 -18.63 12.12 9.13
CA SER A 187 -19.43 13.12 9.85
C SER A 187 -19.87 14.21 8.85
N ALA A 188 -21.08 14.76 9.03
CA ALA A 188 -21.54 15.85 8.15
C ALA A 188 -20.58 17.01 8.40
N ASP A 189 -20.19 17.17 9.67
CA ASP A 189 -19.24 18.17 10.19
C ASP A 189 -17.82 17.74 9.75
N PRO A 190 -17.10 18.61 9.03
CA PRO A 190 -15.75 18.28 8.56
C PRO A 190 -14.65 18.69 9.51
N GLN A 191 -14.95 19.53 10.49
CA GLN A 191 -13.91 19.87 11.43
C GLN A 191 -13.78 18.63 12.28
N VAL A 192 -14.92 17.99 12.56
CA VAL A 192 -14.97 16.76 13.34
C VAL A 192 -14.19 15.68 12.61
N GLN A 193 -14.49 15.51 11.32
CA GLN A 193 -13.83 14.51 10.52
C GLN A 193 -12.39 14.81 10.19
N LEU A 194 -11.89 16.00 10.53
CA LEU A 194 -10.50 16.33 10.27
C LEU A 194 -9.72 16.04 11.57
N GLU A 195 -10.36 16.26 12.71
CA GLU A 195 -9.73 16.01 14.01
C GLU A 195 -9.37 14.51 14.11
N ALA A 196 -10.30 13.64 13.71
CA ALA A 196 -10.12 12.21 13.73
C ALA A 196 -9.11 11.80 12.66
N ALA A 197 -9.23 12.37 11.45
CA ALA A 197 -8.34 12.05 10.36
C ALA A 197 -6.88 12.33 10.65
N LYS A 198 -6.63 13.37 11.44
CA LYS A 198 -5.26 13.70 11.79
C LYS A 198 -4.71 12.73 12.82
N LEU A 199 -5.60 12.20 13.69
CA LEU A 199 -5.22 11.23 14.75
C LEU A 199 -5.00 9.80 14.22
N TRP A 200 -5.71 9.40 13.18
CA TRP A 200 -5.50 8.07 12.57
C TRP A 200 -4.18 8.07 11.76
N SER A 201 -3.96 9.14 11.00
CA SER A 201 -2.77 9.29 10.14
C SER A 201 -1.41 9.32 10.85
N VAL A 202 -1.32 10.16 11.87
CA VAL A 202 -0.13 10.33 12.67
C VAL A 202 0.28 9.05 13.42
N TRP A 203 -0.70 8.31 13.92
CA TRP A 203 -0.44 7.05 14.60
C TRP A 203 0.43 6.18 13.67
N GLU A 204 -0.02 6.00 12.43
CA GLU A 204 0.69 5.22 11.44
C GLU A 204 2.03 5.86 11.08
N GLY A 205 2.01 7.07 10.56
CA GLY A 205 3.26 7.72 10.25
C GLY A 205 4.28 7.65 11.37
N GLU A 206 3.84 7.42 12.59
CA GLU A 206 4.75 7.36 13.73
C GLU A 206 5.25 5.96 14.17
N THR A 207 4.64 4.90 13.64
CA THR A 207 5.00 3.52 14.01
C THR A 207 5.34 2.68 12.79
N VAL A 208 5.64 3.35 11.69
CA VAL A 208 5.93 2.72 10.41
C VAL A 208 7.45 2.62 10.19
N THR A 209 8.21 3.24 11.11
CA THR A 209 9.67 3.19 11.05
C THR A 209 10.24 2.70 12.40
N LEU A 210 11.39 2.02 12.35
CA LEU A 210 12.05 1.51 13.56
C LEU A 210 12.33 2.67 14.50
N LEU A 211 13.24 3.53 14.05
CA LEU A 211 13.63 4.73 14.78
C LEU A 211 12.77 5.89 14.33
N PRO A 212 12.49 6.85 15.22
CA PRO A 212 11.67 8.00 14.84
C PRO A 212 12.33 8.89 13.79
N SER A 213 11.56 9.41 12.83
CA SER A 213 12.07 10.32 11.81
C SER A 213 11.19 11.54 11.85
N ARG A 214 11.69 12.68 11.35
CA ARG A 214 10.92 13.92 11.34
C ARG A 214 9.81 13.92 10.29
N GLU A 215 10.06 13.20 9.19
CA GLU A 215 9.11 13.08 8.06
C GLU A 215 7.79 12.37 8.38
N SER A 216 7.55 12.09 9.66
CA SER A 216 6.31 11.46 10.07
C SER A 216 5.25 12.57 10.15
N ALA A 217 5.74 13.81 10.18
CA ALA A 217 4.87 14.96 10.25
C ALA A 217 3.92 15.03 9.03
N SER A 218 4.42 14.66 7.86
CA SER A 218 3.60 14.73 6.66
C SER A 218 2.24 14.08 6.77
N PHE A 219 2.10 13.12 7.70
CA PHE A 219 0.83 12.41 7.88
C PHE A 219 -0.21 13.24 8.59
N GLY A 220 0.22 14.37 9.15
CA GLY A 220 -0.71 15.25 9.82
C GLY A 220 -1.38 16.20 8.83
N GLU A 221 -0.63 16.59 7.80
CA GLU A 221 -1.12 17.51 6.77
C GLU A 221 -2.57 17.24 6.35
N ASP A 222 -3.46 18.13 6.78
CA ASP A 222 -4.91 18.10 6.54
C ASP A 222 -5.45 17.34 5.33
N ASP A 223 -5.07 17.78 4.13
CA ASP A 223 -5.54 17.14 2.90
C ASP A 223 -5.20 15.66 2.82
N PHE A 224 -3.92 15.35 3.00
CA PHE A 224 -3.44 14.00 2.98
C PHE A 224 -4.13 13.22 4.11
N ALA A 225 -4.15 13.80 5.31
CA ALA A 225 -4.74 13.17 6.47
C ALA A 225 -6.24 12.98 6.30
N LEU A 226 -6.86 13.81 5.48
CA LEU A 226 -8.30 13.67 5.27
C LEU A 226 -8.53 12.51 4.33
N ALA A 227 -7.78 12.44 3.23
CA ALA A 227 -7.91 11.34 2.27
C ALA A 227 -7.43 10.01 2.83
N PHE A 228 -6.19 9.98 3.32
CA PHE A 228 -5.57 8.80 3.88
C PHE A 228 -6.47 8.11 4.91
N ALA A 229 -6.79 8.83 5.97
CA ALA A 229 -7.57 8.30 7.07
C ALA A 229 -8.90 7.75 6.71
N ARG A 230 -9.63 8.47 5.89
CA ARG A 230 -10.97 8.07 5.50
C ARG A 230 -11.00 6.97 4.45
N ILE A 231 -9.95 6.89 3.63
CA ILE A 231 -9.87 5.84 2.64
C ILE A 231 -9.43 4.56 3.35
N GLU A 232 -8.44 4.68 4.23
CA GLU A 232 -7.95 3.54 5.00
C GLU A 232 -9.06 2.93 5.83
N ASN A 233 -9.69 3.76 6.67
CA ASN A 233 -10.78 3.31 7.54
C ASN A 233 -11.95 2.82 6.71
N HIS A 234 -12.03 3.25 5.48
CA HIS A 234 -13.12 2.80 4.64
C HIS A 234 -12.92 1.32 4.29
N TYR A 235 -11.76 1.02 3.71
CA TYR A 235 -11.39 -0.34 3.32
C TYR A 235 -11.36 -1.31 4.49
N PHE A 236 -10.86 -0.86 5.63
CA PHE A 236 -10.81 -1.73 6.80
C PHE A 236 -12.21 -2.07 7.28
N THR A 237 -13.09 -1.09 7.28
CA THR A 237 -14.47 -1.29 7.69
C THR A 237 -15.15 -2.36 6.83
N HIS A 238 -14.77 -2.46 5.57
CA HIS A 238 -15.35 -3.47 4.68
C HIS A 238 -14.48 -4.71 4.58
N LEU A 239 -13.44 -4.75 5.43
CA LEU A 239 -12.52 -5.85 5.43
C LEU A 239 -11.91 -6.04 4.04
N GLY A 240 -11.43 -4.96 3.45
CA GLY A 240 -10.83 -5.07 2.15
C GLY A 240 -11.77 -5.52 1.05
N PHE A 241 -13.04 -5.77 1.39
CA PHE A 241 -14.06 -6.17 0.41
C PHE A 241 -13.95 -7.60 -0.10
N LEU A 242 -13.28 -8.44 0.70
CA LEU A 242 -13.03 -9.85 0.41
C LEU A 242 -14.05 -10.69 1.15
N GLU A 243 -14.68 -11.69 0.53
CA GLU A 243 -15.54 -12.52 1.38
C GLU A 243 -14.86 -13.82 1.68
N SER A 244 -14.06 -13.76 2.74
CA SER A 244 -13.26 -14.83 3.30
C SER A 244 -12.12 -14.12 3.95
N ASP A 245 -11.95 -14.32 5.25
CA ASP A 245 -10.87 -13.69 6.01
C ASP A 245 -9.52 -13.96 5.38
N ASP A 246 -9.38 -15.15 4.83
CA ASP A 246 -8.13 -15.58 4.22
C ASP A 246 -8.16 -15.73 2.71
N GLN A 247 -9.11 -15.07 2.04
CA GLN A 247 -9.24 -15.19 0.60
C GLN A 247 -7.92 -15.01 -0.11
N LEU A 248 -7.09 -14.09 0.38
CA LEU A 248 -5.78 -13.83 -0.24
C LEU A 248 -4.73 -14.94 -0.05
N LEU A 249 -4.74 -15.61 1.11
CA LEU A 249 -3.80 -16.70 1.38
C LEU A 249 -4.34 -17.94 0.71
N ARG A 250 -5.60 -18.20 0.95
CA ARG A 250 -6.33 -19.33 0.42
C ARG A 250 -6.59 -19.23 -1.08
N ASN A 251 -5.76 -18.44 -1.78
CA ASN A 251 -5.92 -18.26 -3.23
C ASN A 251 -4.60 -18.13 -3.95
N VAL A 252 -3.52 -18.38 -3.22
CA VAL A 252 -2.15 -18.32 -3.71
C VAL A 252 -1.83 -19.30 -4.85
N PRO A 253 -2.42 -20.53 -4.83
CA PRO A 253 -2.13 -21.48 -5.92
C PRO A 253 -2.19 -20.85 -7.32
N LEU A 254 -3.15 -19.95 -7.51
CA LEU A 254 -3.39 -19.24 -8.78
C LEU A 254 -2.22 -18.41 -9.31
N ILE A 255 -1.24 -18.15 -8.47
CA ILE A 255 -0.09 -17.33 -8.86
C ILE A 255 1.24 -17.92 -8.42
N ARG A 256 1.20 -19.07 -7.74
CA ARG A 256 2.41 -19.75 -7.25
C ARG A 256 3.46 -19.89 -8.33
N HIS A 257 3.00 -20.00 -9.57
CA HIS A 257 3.85 -20.15 -10.73
C HIS A 257 4.59 -18.86 -11.14
N ILE A 258 4.26 -17.73 -10.47
CA ILE A 258 4.85 -16.42 -10.76
C ILE A 258 6.05 -16.03 -9.91
N PRO A 259 7.19 -15.72 -10.56
CA PRO A 259 8.37 -15.35 -9.80
C PRO A 259 8.01 -14.23 -8.86
N ALA A 260 8.47 -14.33 -7.63
CA ALA A 260 8.18 -13.33 -6.63
C ALA A 260 9.30 -13.27 -5.61
N VAL A 261 9.42 -12.13 -4.95
CA VAL A 261 10.39 -11.92 -3.92
C VAL A 261 9.59 -11.23 -2.82
N ILE A 262 9.82 -11.62 -1.57
CA ILE A 262 9.09 -11.07 -0.44
C ILE A 262 10.03 -10.46 0.59
N VAL A 263 9.97 -9.13 0.73
CA VAL A 263 10.79 -8.40 1.69
C VAL A 263 9.95 -7.97 2.89
N HIS A 264 10.45 -8.15 4.10
CA HIS A 264 9.69 -7.78 5.26
C HIS A 264 10.60 -7.47 6.45
N GLY A 265 10.30 -6.39 7.18
CA GLY A 265 11.10 -5.98 8.32
C GLY A 265 10.72 -6.75 9.57
N ARG A 266 11.72 -7.27 10.27
CA ARG A 266 11.50 -8.03 11.48
C ARG A 266 10.59 -7.26 12.44
N TYR A 267 10.92 -5.99 12.65
CA TYR A 267 10.18 -5.12 13.57
C TYR A 267 9.14 -4.19 12.93
N ASP A 268 8.60 -4.61 11.81
CA ASP A 268 7.56 -3.87 11.12
C ASP A 268 6.36 -3.89 12.07
N MET A 269 5.94 -2.74 12.58
CA MET A 269 4.80 -2.72 13.49
C MET A 269 3.45 -2.58 12.76
N ALA A 270 3.46 -2.16 11.51
CA ALA A 270 2.20 -1.99 10.78
C ALA A 270 1.58 -3.34 10.37
N CYS A 271 2.39 -4.27 9.88
CA CYS A 271 1.93 -5.59 9.48
C CYS A 271 2.99 -6.52 9.99
N GLN A 272 2.65 -7.44 10.89
CA GLN A 272 3.65 -8.39 11.44
C GLN A 272 4.32 -9.40 10.46
N VAL A 273 5.53 -9.87 10.83
CA VAL A 273 6.29 -10.84 10.02
C VAL A 273 5.42 -12.07 9.74
N GLN A 274 4.61 -12.46 10.72
CA GLN A 274 3.67 -13.59 10.62
C GLN A 274 2.95 -13.64 9.27
N ASN A 275 2.66 -12.48 8.67
CA ASN A 275 2.00 -12.42 7.36
C ASN A 275 2.95 -12.80 6.22
N ALA A 276 4.20 -12.37 6.32
CA ALA A 276 5.19 -12.67 5.30
C ALA A 276 5.50 -14.17 5.36
N TRP A 277 5.57 -14.70 6.57
CA TRP A 277 5.86 -16.10 6.77
C TRP A 277 4.70 -16.97 6.31
N ASP A 278 3.48 -16.59 6.65
CA ASP A 278 2.30 -17.35 6.26
C ASP A 278 2.21 -17.45 4.75
N LEU A 279 2.40 -16.33 4.06
CA LEU A 279 2.35 -16.31 2.60
C LEU A 279 3.49 -17.15 2.02
N ALA A 280 4.67 -17.08 2.64
CA ALA A 280 5.80 -17.86 2.15
C ALA A 280 5.60 -19.36 2.38
N LYS A 281 5.03 -19.69 3.54
CA LYS A 281 4.72 -21.07 3.95
C LYS A 281 3.73 -21.67 2.93
N ALA A 282 3.01 -20.81 2.21
CA ALA A 282 2.03 -21.23 1.23
C ALA A 282 2.55 -21.09 -0.21
N TRP A 283 3.64 -20.35 -0.36
CA TRP A 283 4.22 -20.08 -1.65
C TRP A 283 5.71 -20.32 -1.54
N PRO A 284 6.10 -21.60 -1.45
CA PRO A 284 7.50 -21.99 -1.33
C PRO A 284 8.38 -21.56 -2.48
N GLU A 285 7.82 -21.38 -3.67
CA GLU A 285 8.72 -20.99 -4.74
C GLU A 285 9.19 -19.54 -4.63
N ALA A 286 8.55 -18.77 -3.75
CA ALA A 286 8.91 -17.36 -3.53
C ALA A 286 10.07 -17.23 -2.57
N GLU A 287 10.94 -16.26 -2.84
CA GLU A 287 12.11 -16.01 -2.00
C GLU A 287 11.74 -15.02 -0.92
N LEU A 288 11.66 -15.48 0.32
CA LEU A 288 11.33 -14.61 1.46
C LEU A 288 12.62 -13.99 2.00
N HIS A 289 12.55 -12.70 2.36
CA HIS A 289 13.70 -11.98 2.91
C HIS A 289 13.19 -11.19 4.09
N ILE A 290 13.43 -11.71 5.29
CA ILE A 290 13.01 -11.06 6.52
C ILE A 290 14.17 -10.17 6.91
N VAL A 291 14.10 -8.90 6.57
CA VAL A 291 15.20 -8.03 6.92
C VAL A 291 15.18 -7.68 8.42
N GLU A 292 16.30 -8.04 9.05
CA GLU A 292 16.52 -7.89 10.47
C GLU A 292 16.80 -6.43 10.78
N GLY A 293 16.48 -6.02 12.00
CA GLY A 293 16.72 -4.65 12.44
C GLY A 293 15.99 -3.54 11.69
N ALA A 294 14.87 -3.84 11.04
CA ALA A 294 14.15 -2.82 10.29
C ALA A 294 12.70 -2.78 10.65
N GLY A 295 12.04 -1.75 10.15
CA GLY A 295 10.64 -1.56 10.42
C GLY A 295 9.79 -1.84 9.21
N HIS A 296 8.68 -1.14 9.10
CA HIS A 296 7.74 -1.32 8.00
C HIS A 296 8.09 -0.59 6.74
N SER A 297 8.58 0.65 6.85
CA SER A 297 8.87 1.45 5.66
C SER A 297 9.87 0.94 4.63
N TYR A 298 9.45 0.99 3.36
CA TYR A 298 10.25 0.56 2.22
C TYR A 298 11.58 1.24 2.26
N ASP A 299 11.62 2.49 2.68
CA ASP A 299 12.86 3.20 2.70
C ASP A 299 13.83 2.87 3.83
N GLU A 300 13.49 1.88 4.66
CA GLU A 300 14.40 1.45 5.75
C GLU A 300 15.61 0.99 4.93
N PRO A 301 16.83 1.29 5.38
CA PRO A 301 17.98 0.88 4.57
C PRO A 301 18.09 -0.62 4.19
N GLY A 302 17.70 -1.51 5.10
CA GLY A 302 17.77 -2.93 4.83
C GLY A 302 16.72 -3.45 3.86
N ILE A 303 15.52 -2.87 3.95
CA ILE A 303 14.41 -3.25 3.08
C ILE A 303 14.66 -2.62 1.71
N LEU A 304 15.20 -1.40 1.68
CA LEU A 304 15.46 -0.72 0.43
C LEU A 304 16.44 -1.56 -0.38
N HIS A 305 17.51 -2.02 0.28
CA HIS A 305 18.54 -2.85 -0.35
C HIS A 305 17.99 -4.07 -1.10
N GLN A 306 17.24 -4.90 -0.40
CA GLN A 306 16.65 -6.08 -0.97
C GLN A 306 15.68 -5.77 -2.10
N LEU A 307 15.11 -4.58 -2.04
CA LEU A 307 14.15 -4.13 -3.03
C LEU A 307 14.90 -3.68 -4.28
N MET A 308 16.04 -3.02 -4.06
CA MET A 308 16.82 -2.56 -5.18
C MET A 308 17.45 -3.76 -5.85
N ILE A 309 17.87 -4.74 -5.05
CA ILE A 309 18.46 -6.00 -5.55
C ILE A 309 17.40 -6.84 -6.33
N ALA A 310 16.23 -7.03 -5.76
CA ALA A 310 15.18 -7.78 -6.45
C ALA A 310 14.88 -7.15 -7.82
N THR A 311 14.69 -5.83 -7.84
CA THR A 311 14.41 -5.07 -9.07
C THR A 311 15.46 -5.24 -10.17
N ASP A 312 16.73 -5.00 -9.82
CA ASP A 312 17.86 -5.12 -10.74
C ASP A 312 17.94 -6.52 -11.32
N ARG A 313 17.69 -7.52 -10.47
CA ARG A 313 17.73 -8.92 -10.87
C ARG A 313 16.58 -9.28 -11.78
N PHE A 314 15.38 -8.90 -11.40
CA PHE A 314 14.19 -9.20 -12.19
C PHE A 314 14.17 -8.53 -13.56
N ALA A 315 15.03 -7.54 -13.77
CA ALA A 315 15.11 -6.85 -15.05
C ALA A 315 16.33 -7.39 -15.83
N GLY A 316 17.52 -7.20 -15.25
CA GLY A 316 18.74 -7.68 -15.87
C GLY A 316 19.01 -9.05 -15.32
N LYS A 317 18.23 -10.02 -15.81
CA LYS A 317 18.33 -11.44 -15.41
C LYS A 317 19.34 -12.20 -16.27
#